data_1L5Y
#
_entry.id   1L5Y
#
_cell.length_a   52.005
_cell.length_b   76.837
_cell.length_c   77.853
_cell.angle_alpha   90.00
_cell.angle_beta   90.00
_cell.angle_gamma   90.00
#
_symmetry.space_group_name_H-M   'P 21 21 21'
#
loop_
_entity.id
_entity.type
_entity.pdbx_description
1 polymer 'C4-DICARBOXYLATE TRANSPORT TRANSCRIPTIONAL REGULATORY PROTEIN DCTD'
2 non-polymer 'MAGNESIUM ION'
3 non-polymer 'SULFATE ION'
4 non-polymer 'BERYLLIUM TRIFLUORIDE ION'
5 non-polymer 'BERYLLIUM DIFLUORIDE'
6 non-polymer 'BERYLLIUM TETRAFLUORIDE ION'
7 non-polymer GLYCEROL
8 water water
#
_entity_poly.entity_id   1
_entity_poly.type   'polypeptide(L)'
_entity_poly.pdbx_seq_one_letter_code
;SAAPSVFLIDDDRDLRKAMQQTLELAGFTVSSFASATEALAGLSADFAGIVISDIRMPGMDGLALFRKILALDPDLPMIL
VTGHGDIPMAVQAIQDGAYDFIAKPFAADRLVQSARRAEKKRRLVMENRSLRRAAEAASEGLKLAAALEHHHHHH
;
_entity_poly.pdbx_strand_id   A,B
#
loop_
_chem_comp.id
_chem_comp.type
_chem_comp.name
_chem_comp.formula
BEF non-polymer 'BERYLLIUM TRIFLUORIDE ION' 'Be F3 -1'
BF2 non-polymer 'BERYLLIUM DIFLUORIDE' 'Be F2'
BF4 non-polymer 'BERYLLIUM TETRAFLUORIDE ION' 'Be F4 -2'
GOL non-polymer GLYCEROL 'C3 H8 O3'
MG non-polymer 'MAGNESIUM ION' 'Mg 2'
SO4 non-polymer 'SULFATE ION' 'O4 S -2'
#
# COMPACT_ATOMS: atom_id res chain seq x y z
N PRO A 4 8.35 -19.84 15.72
CA PRO A 4 7.97 -18.41 15.91
C PRO A 4 9.15 -17.63 16.52
N SER A 5 9.85 -16.92 15.66
CA SER A 5 11.04 -16.18 16.05
C SER A 5 10.89 -14.71 15.71
N VAL A 6 11.51 -13.84 16.51
CA VAL A 6 11.45 -12.41 16.26
C VAL A 6 12.66 -11.67 16.79
N PHE A 7 13.12 -10.68 16.04
CA PHE A 7 14.20 -9.77 16.47
C PHE A 7 13.36 -8.52 16.75
N LEU A 8 13.44 -8.00 17.96
CA LEU A 8 12.70 -6.83 18.41
C LEU A 8 13.70 -5.73 18.74
N ILE A 9 13.47 -4.54 18.17
CA ILE A 9 14.38 -3.42 18.39
C ILE A 9 13.67 -2.16 18.84
N ASP A 10 14.08 -1.62 19.98
CA ASP A 10 13.53 -0.35 20.46
C ASP A 10 14.53 0.21 21.49
N ASP A 11 14.83 1.51 21.42
CA ASP A 11 15.76 2.10 22.38
C ASP A 11 15.11 2.35 23.76
N ASP A 12 13.78 2.27 23.81
CA ASP A 12 12.99 2.48 25.04
C ASP A 12 13.02 1.14 25.82
N ARG A 13 13.92 1.03 26.78
CA ARG A 13 14.03 -0.21 27.53
C ARG A 13 12.73 -0.76 28.15
N ASP A 14 11.97 0.06 28.85
CA ASP A 14 10.74 -0.48 29.46
C ASP A 14 9.76 -1.02 28.40
N LEU A 15 9.64 -0.28 27.31
CA LEU A 15 8.74 -0.71 26.27
C LEU A 15 9.28 -1.99 25.62
N ARG A 16 10.58 -2.05 25.40
CA ARG A 16 11.17 -3.22 24.77
C ARG A 16 10.89 -4.48 25.61
N LYS A 17 11.02 -4.38 26.93
CA LYS A 17 10.80 -5.49 27.86
C LYS A 17 9.34 -5.92 27.82
N ALA A 18 8.43 -4.94 27.85
CA ALA A 18 7.00 -5.20 27.80
C ALA A 18 6.59 -5.84 26.47
N MET A 19 7.15 -5.34 25.36
CA MET A 19 6.83 -5.92 24.05
C MET A 19 7.37 -7.34 24.02
N GLN A 20 8.57 -7.55 24.56
CA GLN A 20 9.12 -8.89 24.56
C GLN A 20 8.23 -9.88 25.35
N GLN A 21 7.74 -9.50 26.53
CA GLN A 21 6.88 -10.40 27.31
C GLN A 21 5.60 -10.68 26.55
N THR A 22 5.02 -9.64 25.96
CA THR A 22 3.81 -9.78 25.21
C THR A 22 4.03 -10.77 24.07
N LEU A 23 5.15 -10.62 23.37
CA LEU A 23 5.42 -11.51 22.25
C LEU A 23 5.72 -12.94 22.70
N GLU A 24 6.36 -13.08 23.87
CA GLU A 24 6.62 -14.41 24.42
C GLU A 24 5.29 -15.07 24.85
N LEU A 25 4.38 -14.26 25.40
CA LEU A 25 3.07 -14.78 25.82
C LEU A 25 2.43 -15.40 24.59
N ALA A 26 2.53 -14.70 23.45
CA ALA A 26 1.98 -15.16 22.17
C ALA A 26 2.74 -16.35 21.55
N GLY A 27 3.79 -16.83 22.22
CA GLY A 27 4.50 -17.99 21.68
C GLY A 27 5.80 -17.76 20.89
N PHE A 28 6.25 -16.52 20.76
CA PHE A 28 7.49 -16.30 20.01
C PHE A 28 8.72 -16.40 20.91
N THR A 29 9.85 -16.72 20.30
CA THR A 29 11.12 -16.72 21.02
C THR A 29 11.67 -15.36 20.59
N VAL A 30 11.95 -14.48 21.54
CA VAL A 30 12.39 -13.13 21.18
C VAL A 30 13.84 -12.77 21.49
N SER A 31 14.51 -12.16 20.51
CA SER A 31 15.88 -11.68 20.72
C SER A 31 15.67 -10.18 20.63
N SER A 32 15.93 -9.49 21.72
CA SER A 32 15.69 -8.07 21.73
C SER A 32 16.96 -7.25 21.80
N PHE A 33 16.90 -6.06 21.18
CA PHE A 33 18.05 -5.18 21.08
C PHE A 33 17.61 -3.73 21.22
N ALA A 34 18.55 -2.89 21.68
CA ALA A 34 18.32 -1.45 21.79
C ALA A 34 18.88 -0.83 20.49
N SER A 35 19.78 -1.56 19.83
N SER A 35 19.80 -1.53 19.82
CA SER A 35 20.43 -1.08 18.61
CA SER A 35 20.40 -1.00 18.60
C SER A 35 20.12 -1.82 17.31
C SER A 35 20.12 -1.79 17.33
N ALA A 36 19.72 -1.06 16.31
CA ALA A 36 19.39 -1.61 15.00
C ALA A 36 20.61 -2.30 14.37
N THR A 37 21.81 -1.73 14.51
CA THR A 37 22.95 -2.40 13.87
C THR A 37 23.38 -3.68 14.61
N GLU A 38 23.20 -3.71 15.93
CA GLU A 38 23.52 -4.95 16.65
C GLU A 38 22.52 -6.04 16.20
N ALA A 39 21.25 -5.66 16.07
CA ALA A 39 20.23 -6.59 15.60
C ALA A 39 20.57 -7.04 14.18
N LEU A 40 20.85 -6.09 13.31
CA LEU A 40 21.18 -6.42 11.93
C LEU A 40 22.35 -7.42 11.85
N ALA A 41 23.35 -7.24 12.70
CA ALA A 41 24.53 -8.10 12.71
C ALA A 41 24.22 -9.57 13.01
N GLY A 42 23.06 -9.84 13.62
CA GLY A 42 22.71 -11.21 13.95
C GLY A 42 21.71 -11.79 12.98
N LEU A 43 21.31 -11.01 11.97
CA LEU A 43 20.35 -11.44 10.94
C LEU A 43 21.03 -12.12 9.72
N SER A 44 20.21 -12.67 8.83
CA SER A 44 20.71 -13.34 7.61
C SER A 44 19.48 -13.62 6.75
N ALA A 45 19.67 -14.00 5.48
CA ALA A 45 18.52 -14.29 4.64
C ALA A 45 17.96 -15.66 5.01
N ASP A 46 18.64 -16.33 5.94
CA ASP A 46 18.20 -17.64 6.37
C ASP A 46 17.33 -17.55 7.62
N PHE A 47 17.25 -16.35 8.23
CA PHE A 47 16.43 -16.17 9.43
C PHE A 47 14.97 -16.58 9.15
N ALA A 48 14.45 -17.47 9.99
CA ALA A 48 13.10 -17.97 9.80
C ALA A 48 12.04 -17.09 10.43
N GLY A 49 12.44 -16.09 11.21
CA GLY A 49 11.46 -15.25 11.88
C GLY A 49 11.13 -13.92 11.21
N ILE A 50 10.76 -12.95 12.03
CA ILE A 50 10.39 -11.62 11.55
C ILE A 50 11.12 -10.57 12.34
N VAL A 51 11.02 -9.33 11.88
CA VAL A 51 11.67 -8.24 12.55
C VAL A 51 10.62 -7.21 12.97
N ILE A 52 10.69 -6.75 14.21
CA ILE A 52 9.77 -5.72 14.69
C ILE A 52 10.67 -4.60 15.23
N SER A 53 10.62 -3.44 14.60
CA SER A 53 11.46 -2.34 15.03
C SER A 53 10.83 -0.95 15.17
N ASP A 54 11.31 -0.29 16.20
CA ASP A 54 10.95 1.07 16.52
C ASP A 54 11.62 1.92 15.43
N ILE A 55 11.27 3.21 15.32
CA ILE A 55 11.89 4.05 14.30
C ILE A 55 12.94 5.03 14.82
N ARG A 56 12.56 5.92 15.75
CA ARG A 56 13.50 6.93 16.26
C ARG A 56 14.43 6.35 17.31
N MET A 57 15.72 6.32 17.01
CA MET A 57 16.67 5.74 17.94
C MET A 57 18.06 6.32 17.76
N PRO A 58 18.93 6.13 18.77
CA PRO A 58 20.28 6.62 18.66
C PRO A 58 20.89 5.70 17.56
N GLY A 59 21.89 6.19 16.85
CA GLY A 59 22.50 5.38 15.81
C GLY A 59 21.57 5.28 14.61
N MET A 60 21.53 4.09 13.98
CA MET A 60 20.68 3.81 12.81
C MET A 60 19.19 3.82 13.15
N ASP A 61 18.36 4.44 12.32
CA ASP A 61 16.93 4.44 12.64
C ASP A 61 16.19 3.24 12.02
N GLY A 62 14.95 3.01 12.42
CA GLY A 62 14.18 1.87 11.95
C GLY A 62 13.86 1.82 10.47
N LEU A 63 13.75 2.98 9.86
CA LEU A 63 13.48 3.03 8.44
C LEU A 63 14.70 2.61 7.62
N ALA A 64 15.88 2.99 8.11
CA ALA A 64 17.18 2.67 7.49
C ALA A 64 17.42 1.18 7.68
N LEU A 65 17.07 0.65 8.85
CA LEU A 65 17.19 -0.78 9.14
C LEU A 65 16.27 -1.54 8.17
N PHE A 66 15.06 -1.04 7.97
CA PHE A 66 14.09 -1.68 7.06
C PHE A 66 14.67 -1.75 5.63
N ARG A 67 15.27 -0.66 5.15
CA ARG A 67 15.88 -0.66 3.83
C ARG A 67 17.00 -1.71 3.78
N LYS A 68 17.75 -1.89 4.87
CA LYS A 68 18.82 -2.92 4.90
C LYS A 68 18.21 -4.33 4.82
N ILE A 69 17.10 -4.55 5.51
CA ILE A 69 16.46 -5.86 5.48
C ILE A 69 15.89 -6.17 4.12
N LEU A 70 15.29 -5.18 3.46
CA LEU A 70 14.75 -5.36 2.11
C LEU A 70 15.85 -5.84 1.17
N ALA A 71 17.04 -5.26 1.27
CA ALA A 71 18.15 -5.67 0.40
C ALA A 71 18.66 -7.05 0.82
N LEU A 72 18.58 -7.36 2.10
CA LEU A 72 19.05 -8.65 2.59
C LEU A 72 18.17 -9.80 2.08
N ASP A 73 16.85 -9.65 2.24
CA ASP A 73 15.89 -10.66 1.77
C ASP A 73 14.56 -9.91 1.73
N PRO A 74 14.09 -9.53 0.52
CA PRO A 74 12.82 -8.82 0.46
C PRO A 74 11.63 -9.61 0.99
N ASP A 75 11.82 -10.88 1.30
CA ASP A 75 10.71 -11.66 1.83
C ASP A 75 10.79 -11.82 3.35
N LEU A 76 11.64 -11.04 4.03
CA LEU A 76 11.77 -11.11 5.50
C LEU A 76 10.87 -9.97 6.01
N PRO A 77 9.67 -10.29 6.57
CA PRO A 77 8.72 -9.28 7.06
C PRO A 77 9.27 -8.34 8.12
N MET A 78 8.98 -7.05 7.94
CA MET A 78 9.39 -5.99 8.86
C MET A 78 8.15 -5.25 9.33
N ILE A 79 7.97 -5.19 10.64
CA ILE A 79 6.85 -4.47 11.20
C ILE A 79 7.48 -3.26 11.89
N LEU A 80 7.07 -2.05 11.51
CA LEU A 80 7.59 -0.84 12.12
C LEU A 80 6.61 -0.37 13.18
N VAL A 81 7.13 0.08 14.31
CA VAL A 81 6.30 0.55 15.42
C VAL A 81 6.88 1.92 15.78
N THR A 82 6.03 2.93 15.96
CA THR A 82 6.60 4.23 16.26
C THR A 82 5.65 5.18 16.96
N GLY A 83 6.23 6.05 17.79
CA GLY A 83 5.46 7.07 18.47
C GLY A 83 5.84 8.42 17.86
N HIS A 84 6.65 8.41 16.79
CA HIS A 84 7.06 9.65 16.16
C HIS A 84 6.84 9.60 14.64
N GLY A 85 5.75 8.97 14.21
CA GLY A 85 5.51 8.89 12.79
C GLY A 85 4.48 9.91 12.35
N ASP A 86 4.21 9.93 11.05
CA ASP A 86 3.17 10.80 10.50
C ASP A 86 2.61 10.05 9.30
N ILE A 87 1.60 10.61 8.65
CA ILE A 87 0.96 9.94 7.52
C ILE A 87 1.86 9.65 6.31
N PRO A 88 2.64 10.65 5.84
CA PRO A 88 3.51 10.39 4.68
C PRO A 88 4.57 9.32 4.92
N MET A 89 5.10 9.26 6.13
CA MET A 89 6.09 8.27 6.46
C MET A 89 5.46 6.85 6.47
N ALA A 90 4.28 6.70 7.08
CA ALA A 90 3.59 5.39 7.16
C ALA A 90 3.17 4.88 5.80
N VAL A 91 2.63 5.78 4.98
CA VAL A 91 2.22 5.48 3.61
C VAL A 91 3.41 4.97 2.84
N GLN A 92 4.54 5.68 2.93
CA GLN A 92 5.71 5.26 2.16
C GLN A 92 6.26 3.93 2.63
N ALA A 93 6.26 3.69 3.92
CA ALA A 93 6.75 2.42 4.46
C ALA A 93 5.95 1.26 3.91
N ILE A 94 4.62 1.38 3.93
CA ILE A 94 3.76 0.31 3.44
C ILE A 94 3.97 0.15 1.92
N GLN A 95 4.02 1.27 1.20
CA GLN A 95 4.25 1.17 -0.25
C GLN A 95 5.61 0.55 -0.55
N ASP A 96 6.61 0.82 0.28
CA ASP A 96 7.92 0.22 0.06
C ASP A 96 8.00 -1.24 0.49
N GLY A 97 6.92 -1.78 1.03
CA GLY A 97 6.96 -3.18 1.42
C GLY A 97 6.98 -3.54 2.90
N ALA A 98 6.88 -2.58 3.81
CA ALA A 98 6.84 -2.94 5.23
C ALA A 98 5.60 -3.82 5.47
N TYR A 99 5.73 -4.87 6.27
CA TYR A 99 4.57 -5.71 6.51
C TYR A 99 3.46 -4.91 7.23
N ASP A 100 3.86 -4.08 8.18
CA ASP A 100 2.89 -3.27 8.90
C ASP A 100 3.60 -2.01 9.44
N PHE A 101 2.79 -1.06 9.87
CA PHE A 101 3.30 0.19 10.42
C PHE A 101 2.30 0.54 11.52
N ILE A 102 2.77 0.49 12.76
CA ILE A 102 1.95 0.67 13.95
C ILE A 102 2.32 1.86 14.80
N ALA A 103 1.34 2.68 15.09
CA ALA A 103 1.60 3.84 15.93
C ALA A 103 1.53 3.48 17.41
N LYS A 104 2.39 4.10 18.20
CA LYS A 104 2.38 3.92 19.66
C LYS A 104 1.46 5.10 20.06
N PRO A 105 0.58 4.91 21.05
CA PRO A 105 0.41 3.66 21.78
C PRO A 105 -0.41 2.67 20.96
N PHE A 106 -0.13 1.38 21.12
CA PHE A 106 -0.91 0.39 20.40
C PHE A 106 -1.46 -0.63 21.38
N ALA A 107 -2.54 -1.31 20.98
CA ALA A 107 -3.14 -2.34 21.81
C ALA A 107 -2.28 -3.59 21.64
N ALA A 108 -2.15 -4.39 22.68
CA ALA A 108 -1.34 -5.59 22.59
C ALA A 108 -1.80 -6.48 21.46
N ASP A 109 -3.12 -6.65 21.35
CA ASP A 109 -3.64 -7.53 20.32
C ASP A 109 -3.32 -7.03 18.90
N ARG A 110 -3.12 -5.74 18.73
CA ARG A 110 -2.77 -5.24 17.40
C ARG A 110 -1.35 -5.70 17.01
N LEU A 111 -0.41 -5.57 17.94
CA LEU A 111 0.97 -5.99 17.71
C LEU A 111 1.04 -7.52 17.54
N VAL A 112 0.36 -8.25 18.41
CA VAL A 112 0.39 -9.72 18.34
C VAL A 112 -0.21 -10.29 17.06
N GLN A 113 -1.37 -9.80 16.66
CA GLN A 113 -2.00 -10.35 15.44
C GLN A 113 -1.12 -10.09 14.21
N SER A 114 -0.50 -8.93 14.17
CA SER A 114 0.33 -8.56 13.04
C SER A 114 1.57 -9.46 13.05
N ALA A 115 2.15 -9.66 14.23
CA ALA A 115 3.31 -10.56 14.33
C ALA A 115 2.98 -12.01 13.91
N ARG A 116 1.86 -12.56 14.39
N ARG A 116 1.83 -12.51 14.37
CA ARG A 116 1.57 -13.95 14.01
CA ARG A 116 1.41 -13.88 14.06
C ARG A 116 1.34 -14.11 12.51
C ARG A 116 1.31 -14.09 12.57
N ARG A 117 0.65 -13.17 11.89
CA ARG A 117 0.45 -13.28 10.45
C ARG A 117 1.76 -13.13 9.69
N ALA A 118 2.63 -12.23 10.14
CA ALA A 118 3.88 -11.99 9.44
C ALA A 118 4.73 -13.25 9.51
N GLU A 119 4.75 -13.84 10.69
CA GLU A 119 5.52 -15.05 10.94
C GLU A 119 4.99 -16.18 10.08
N LYS A 120 3.68 -16.30 9.94
CA LYS A 120 3.18 -17.40 9.12
C LYS A 120 3.61 -17.15 7.65
N LYS A 121 3.56 -15.89 7.25
CA LYS A 121 3.95 -15.56 5.88
C LYS A 121 5.41 -15.96 5.68
N ARG A 122 6.26 -15.66 6.67
CA ARG A 122 7.66 -16.01 6.52
C ARG A 122 7.86 -17.52 6.56
N ARG A 123 7.13 -18.20 7.44
CA ARG A 123 7.24 -19.64 7.53
C ARG A 123 6.92 -20.30 6.18
N LEU A 124 5.87 -19.86 5.50
CA LEU A 124 5.52 -20.43 4.20
C LEU A 124 6.66 -20.19 3.17
N VAL A 125 7.24 -19.00 3.20
CA VAL A 125 8.35 -18.71 2.32
C VAL A 125 9.52 -19.69 2.56
N MET A 126 9.90 -19.89 3.82
CA MET A 126 11.04 -20.79 4.13
C MET A 126 10.79 -22.27 3.81
N GLU A 127 9.53 -22.69 3.95
CA GLU A 127 9.16 -24.06 3.68
C GLU A 127 9.35 -24.34 2.19
N ASN A 128 8.82 -23.47 1.33
CA ASN A 128 8.97 -23.57 -0.14
C ASN A 128 10.48 -23.59 -0.51
N ARG A 129 11.25 -22.74 0.15
CA ARG A 129 12.68 -22.67 -0.12
C ARG A 129 13.35 -23.98 0.32
N SER A 130 12.91 -24.51 1.46
CA SER A 130 13.46 -25.76 1.98
C SER A 130 13.09 -26.93 1.08
N LEU A 131 11.80 -27.06 0.82
CA LEU A 131 11.30 -28.10 -0.05
C LEU A 131 12.01 -28.15 -1.44
N ARG A 132 12.26 -27.00 -2.07
CA ARG A 132 12.92 -27.03 -3.37
C ARG A 132 14.39 -27.46 -3.29
N ARG A 133 15.11 -27.02 -2.26
CA ARG A 133 16.52 -27.41 -2.12
C ARG A 133 16.61 -28.92 -1.82
N ALA A 134 15.60 -29.45 -1.15
CA ALA A 134 15.60 -30.89 -0.81
C ALA A 134 15.39 -31.77 -2.04
N ALA A 135 14.74 -31.20 -3.05
CA ALA A 135 14.41 -31.93 -4.26
C ALA A 135 15.32 -31.64 -5.46
N GLU A 136 16.34 -32.47 -5.64
CA GLU A 136 17.26 -32.33 -6.77
C GLU A 136 16.44 -32.14 -8.04
N ALA A 137 15.39 -32.94 -8.18
CA ALA A 137 14.53 -32.93 -9.37
C ALA A 137 13.68 -31.67 -9.60
N ALA A 138 13.60 -30.78 -8.62
CA ALA A 138 12.83 -29.56 -8.77
C ALA A 138 13.63 -28.52 -9.58
N SER A 139 14.92 -28.78 -9.75
CA SER A 139 15.78 -27.85 -10.51
C SER A 139 15.72 -28.05 -12.02
N GLU A 140 15.60 -26.95 -12.75
CA GLU A 140 15.60 -26.99 -14.21
C GLU A 140 16.79 -26.13 -14.63
N GLY A 141 16.97 -25.90 -15.91
CA GLY A 141 18.08 -25.06 -16.34
C GLY A 141 19.52 -25.57 -16.24
N LEU A 142 20.43 -24.63 -16.18
CA LEU A 142 21.87 -24.94 -16.15
C LEU A 142 22.35 -25.89 -15.06
N LYS A 143 23.07 -26.93 -15.48
CA LYS A 143 23.71 -27.86 -14.56
C LYS A 143 25.20 -27.79 -14.87
N LEU A 144 26.04 -28.04 -13.86
CA LEU A 144 27.49 -28.02 -14.07
C LEU A 144 27.96 -29.41 -13.68
N ALA A 145 28.90 -29.96 -14.43
CA ALA A 145 29.34 -31.31 -14.11
C ALA A 145 30.84 -31.39 -14.24
N ALA A 146 31.43 -32.38 -13.58
CA ALA A 146 32.87 -32.59 -13.62
C ALA A 146 33.31 -32.76 -15.09
N ALA B 2 -5.86 13.27 -25.89
CA ALA B 2 -6.77 13.54 -24.73
C ALA B 2 -5.92 13.96 -23.54
N ALA B 3 -6.26 15.09 -22.92
CA ALA B 3 -5.52 15.60 -21.78
C ALA B 3 -5.80 14.72 -20.55
N PRO B 4 -4.85 14.63 -19.62
CA PRO B 4 -5.09 13.80 -18.43
C PRO B 4 -6.35 14.31 -17.71
N SER B 5 -7.19 13.42 -17.20
CA SER B 5 -8.37 13.95 -16.55
C SER B 5 -8.53 13.45 -15.13
N VAL B 6 -9.23 14.27 -14.35
N VAL B 6 -9.23 14.23 -14.32
CA VAL B 6 -9.47 14.00 -12.93
CA VAL B 6 -9.45 13.84 -12.93
C VAL B 6 -10.88 14.32 -12.49
C VAL B 6 -10.80 14.33 -12.41
N PHE B 7 -11.39 13.53 -11.53
CA PHE B 7 -12.68 13.85 -10.90
C PHE B 7 -12.17 14.19 -9.50
N LEU B 8 -12.39 15.43 -9.08
CA LEU B 8 -11.92 15.95 -7.81
C LEU B 8 -13.11 16.23 -6.90
N ILE B 9 -13.02 15.74 -5.67
CA ILE B 9 -14.11 15.85 -4.74
C ILE B 9 -13.70 16.37 -3.36
N ASP B 10 -14.43 17.38 -2.89
CA ASP B 10 -14.20 17.95 -1.57
C ASP B 10 -15.38 18.89 -1.27
N ASP B 11 -15.89 18.83 -0.06
CA ASP B 11 -17.03 19.68 0.31
C ASP B 11 -16.62 21.10 0.65
N ASP B 12 -15.31 21.31 0.80
CA ASP B 12 -14.70 22.61 1.07
C ASP B 12 -14.53 23.28 -0.32
N ARG B 13 -15.48 24.12 -0.71
CA ARG B 13 -15.48 24.75 -2.02
C ARG B 13 -14.23 25.53 -2.40
N ASP B 14 -13.73 26.36 -1.50
CA ASP B 14 -12.53 27.14 -1.78
C ASP B 14 -11.29 26.26 -1.97
N LEU B 15 -11.12 25.23 -1.14
CA LEU B 15 -9.94 24.38 -1.30
C LEU B 15 -10.10 23.60 -2.60
N ARG B 16 -11.33 23.20 -2.89
CA ARG B 16 -11.63 22.46 -4.11
C ARG B 16 -11.13 23.25 -5.32
N LYS B 17 -11.47 24.53 -5.36
CA LYS B 17 -11.05 25.40 -6.46
C LYS B 17 -9.52 25.59 -6.49
N ALA B 18 -8.92 25.73 -5.31
CA ALA B 18 -7.47 25.91 -5.28
C ALA B 18 -6.84 24.64 -5.81
N MET B 19 -7.39 23.48 -5.43
CA MET B 19 -6.84 22.22 -5.91
C MET B 19 -7.07 22.05 -7.42
N GLN B 20 -8.24 22.48 -7.89
CA GLN B 20 -8.50 22.34 -9.32
C GLN B 20 -7.46 23.22 -10.02
N GLN B 21 -7.31 24.45 -9.54
CA GLN B 21 -6.38 25.35 -10.20
C GLN B 21 -4.98 24.72 -10.25
N THR B 22 -4.57 24.10 -9.16
CA THR B 22 -3.25 23.47 -9.09
C THR B 22 -3.08 22.35 -10.11
N LEU B 23 -4.09 21.50 -10.19
CA LEU B 23 -4.05 20.37 -11.08
C LEU B 23 -4.12 20.78 -12.52
N GLU B 24 -4.87 21.84 -12.85
CA GLU B 24 -4.91 22.28 -14.27
C GLU B 24 -3.54 22.88 -14.61
N LEU B 25 -2.85 23.45 -13.62
CA LEU B 25 -1.52 24.01 -13.87
C LEU B 25 -0.59 22.86 -14.23
N ALA B 26 -0.89 21.72 -13.62
CA ALA B 26 -0.11 20.51 -13.79
C ALA B 26 -0.51 19.77 -15.06
N GLY B 27 -1.42 20.33 -15.84
CA GLY B 27 -1.81 19.71 -17.09
C GLY B 27 -3.11 18.93 -17.16
N PHE B 28 -3.78 18.73 -16.03
CA PHE B 28 -5.04 17.96 -16.05
C PHE B 28 -6.28 18.74 -16.45
N THR B 29 -7.30 18.00 -16.89
CA THR B 29 -8.60 18.56 -17.19
C THR B 29 -9.31 18.06 -15.92
N VAL B 30 -9.87 18.96 -15.13
CA VAL B 30 -10.48 18.61 -13.85
C VAL B 30 -11.96 18.91 -13.65
N SER B 31 -12.75 17.86 -13.45
CA SER B 31 -14.18 18.02 -13.16
C SER B 31 -14.26 17.99 -11.66
N SER B 32 -14.93 18.96 -11.03
CA SER B 32 -14.99 18.92 -9.59
C SER B 32 -16.43 18.81 -9.07
N PHE B 33 -16.53 18.29 -7.84
CA PHE B 33 -17.78 18.05 -7.17
C PHE B 33 -17.72 18.35 -5.67
N ALA B 34 -18.84 18.76 -5.10
CA ALA B 34 -18.91 19.03 -3.65
C ALA B 34 -19.15 17.72 -2.87
N SER B 35 -19.59 16.68 -3.56
CA SER B 35 -19.88 15.43 -2.86
C SER B 35 -19.49 14.23 -3.68
N ALA B 36 -19.33 13.10 -3.00
CA ALA B 36 -18.94 11.84 -3.63
C ALA B 36 -20.04 11.24 -4.49
N THR B 37 -21.28 11.35 -4.04
N THR B 37 -21.28 11.35 -4.05
CA THR B 37 -22.41 10.81 -4.79
CA THR B 37 -22.39 10.78 -4.80
C THR B 37 -22.55 11.49 -6.15
C THR B 37 -22.57 11.49 -6.14
N GLU B 38 -22.31 12.79 -6.19
CA GLU B 38 -22.42 13.54 -7.45
C GLU B 38 -21.39 13.04 -8.43
N ALA B 39 -20.14 12.93 -7.97
CA ALA B 39 -19.06 12.44 -8.78
C ALA B 39 -19.39 11.06 -9.35
N LEU B 40 -20.04 10.22 -8.55
CA LEU B 40 -20.35 8.86 -9.01
C LEU B 40 -21.28 8.81 -10.19
N ALA B 41 -22.07 9.86 -10.38
CA ALA B 41 -22.98 9.87 -11.53
C ALA B 41 -22.17 9.86 -12.84
N GLY B 42 -20.92 10.30 -12.80
CA GLY B 42 -20.09 10.34 -13.99
C GLY B 42 -18.99 9.29 -14.03
N LEU B 43 -18.95 8.42 -13.02
CA LEU B 43 -17.92 7.39 -12.97
C LEU B 43 -18.39 6.03 -13.48
N SER B 44 -17.48 5.29 -14.11
CA SER B 44 -17.79 3.96 -14.61
C SER B 44 -16.46 3.29 -14.94
N ALA B 45 -16.51 2.03 -15.36
CA ALA B 45 -15.29 1.31 -15.68
C ALA B 45 -14.65 1.92 -16.93
N ASP B 46 -15.40 2.70 -17.67
CA ASP B 46 -14.82 3.31 -18.86
C ASP B 46 -14.12 4.65 -18.55
N PHE B 47 -14.14 5.11 -17.30
CA PHE B 47 -13.56 6.40 -16.99
C PHE B 47 -12.07 6.48 -17.31
N ALA B 48 -11.72 7.44 -18.15
CA ALA B 48 -10.34 7.64 -18.60
C ALA B 48 -9.41 8.21 -17.53
N GLY B 49 -9.94 8.76 -16.46
CA GLY B 49 -9.03 9.36 -15.51
C GLY B 49 -8.88 8.73 -14.15
N ILE B 50 -8.58 9.57 -13.16
CA ILE B 50 -8.42 9.12 -11.79
C ILE B 50 -9.33 9.93 -10.91
N VAL B 51 -9.47 9.48 -9.67
CA VAL B 51 -10.31 10.14 -8.68
C VAL B 51 -9.43 10.63 -7.53
N ILE B 52 -9.63 11.88 -7.14
CA ILE B 52 -8.91 12.46 -6.00
C ILE B 52 -10.04 12.92 -5.09
N SER B 53 -10.10 12.36 -3.89
CA SER B 53 -11.22 12.70 -3.05
C SER B 53 -10.94 12.97 -1.58
N ASP B 54 -11.67 13.94 -1.06
CA ASP B 54 -11.61 14.29 0.33
C ASP B 54 -12.30 13.13 1.04
N ILE B 55 -12.19 13.06 2.38
CA ILE B 55 -12.85 12.00 3.13
C ILE B 55 -14.12 12.41 3.89
N ARG B 56 -13.99 13.37 4.80
N ARG B 56 -13.99 13.37 4.80
CA ARG B 56 -15.13 13.79 5.61
CA ARG B 56 -15.14 13.79 5.59
C ARG B 56 -16.09 14.69 4.83
C ARG B 56 -16.09 14.69 4.81
N MET B 57 -17.24 14.15 4.45
CA MET B 57 -18.22 14.90 3.70
C MET B 57 -19.56 14.39 4.19
N PRO B 58 -20.62 15.20 4.03
CA PRO B 58 -21.99 14.87 4.43
C PRO B 58 -22.42 13.77 3.44
N GLY B 59 -23.22 12.81 3.89
CA GLY B 59 -23.66 11.75 2.99
C GLY B 59 -22.63 10.64 2.88
N MET B 60 -22.19 10.37 1.66
CA MET B 60 -21.18 9.34 1.46
C MET B 60 -19.78 9.91 1.70
N ASP B 61 -19.02 9.33 2.63
CA ASP B 61 -17.69 9.83 2.88
C ASP B 61 -16.69 9.23 1.88
N GLY B 62 -15.47 9.75 1.89
CA GLY B 62 -14.46 9.32 0.94
C GLY B 62 -14.07 7.86 0.98
N LEU B 63 -14.07 7.27 2.17
CA LEU B 63 -13.74 5.88 2.33
C LEU B 63 -14.84 5.02 1.67
N ALA B 64 -16.11 5.40 1.86
CA ALA B 64 -17.23 4.69 1.24
C ALA B 64 -17.13 4.87 -0.30
N LEU B 65 -16.75 6.06 -0.77
CA LEU B 65 -16.59 6.26 -2.21
C LEU B 65 -15.51 5.30 -2.71
N PHE B 66 -14.40 5.25 -1.99
CA PHE B 66 -13.27 4.39 -2.34
C PHE B 66 -13.72 2.94 -2.54
N ARG B 67 -14.59 2.45 -1.66
CA ARG B 67 -15.07 1.06 -1.77
C ARG B 67 -15.93 0.90 -3.03
N LYS B 68 -16.68 1.91 -3.35
CA LYS B 68 -17.53 1.85 -4.54
C LYS B 68 -16.67 1.85 -5.80
N ILE B 69 -15.56 2.58 -5.76
CA ILE B 69 -14.67 2.66 -6.91
C ILE B 69 -13.99 1.29 -7.06
N LEU B 70 -13.54 0.77 -5.94
CA LEU B 70 -12.92 -0.56 -5.90
C LEU B 70 -13.89 -1.57 -6.56
N ALA B 71 -15.14 -1.57 -6.14
CA ALA B 71 -16.12 -2.48 -6.73
C ALA B 71 -16.38 -2.18 -8.22
N LEU B 72 -16.38 -0.91 -8.61
CA LEU B 72 -16.61 -0.53 -10.00
C LEU B 72 -15.46 -0.97 -10.92
N ASP B 73 -14.23 -0.66 -10.52
CA ASP B 73 -13.07 -0.97 -11.35
C ASP B 73 -11.82 -0.87 -10.48
N PRO B 74 -11.30 -2.01 -10.00
CA PRO B 74 -10.11 -1.92 -9.18
C PRO B 74 -8.90 -1.32 -9.91
N ASP B 75 -8.97 -1.10 -11.23
CA ASP B 75 -7.84 -0.48 -11.95
C ASP B 75 -8.02 1.05 -12.13
N LEU B 76 -9.01 1.62 -11.48
CA LEU B 76 -9.27 3.06 -11.55
C LEU B 76 -8.57 3.64 -10.32
N PRO B 77 -7.46 4.37 -10.51
CA PRO B 77 -6.72 4.95 -9.40
C PRO B 77 -7.47 5.95 -8.55
N MET B 78 -7.34 5.83 -7.23
CA MET B 78 -7.97 6.78 -6.34
C MET B 78 -6.97 7.27 -5.29
N ILE B 79 -6.93 8.60 -5.15
CA ILE B 79 -6.06 9.27 -4.20
C ILE B 79 -6.96 9.93 -3.16
N LEU B 80 -6.71 9.64 -1.89
CA LEU B 80 -7.48 10.24 -0.81
C LEU B 80 -6.69 11.36 -0.18
N VAL B 81 -7.40 12.42 0.18
CA VAL B 81 -6.79 13.60 0.79
C VAL B 81 -7.67 13.97 1.96
N THR B 82 -7.10 14.15 3.14
CA THR B 82 -7.94 14.48 4.26
C THR B 82 -7.25 15.23 5.37
N GLY B 83 -8.06 16.02 6.08
CA GLY B 83 -7.56 16.77 7.21
C GLY B 83 -8.02 16.07 8.46
N HIS B 84 -8.68 14.93 8.27
CA HIS B 84 -9.22 14.16 9.38
C HIS B 84 -8.73 12.73 9.41
N GLY B 85 -7.56 12.47 8.85
CA GLY B 85 -7.07 11.10 8.87
C GLY B 85 -6.07 10.89 10.01
N ASP B 86 -5.51 9.69 10.07
CA ASP B 86 -4.50 9.35 11.07
C ASP B 86 -3.67 8.20 10.51
N ILE B 87 -2.57 7.87 11.20
N ILE B 87 -2.56 7.86 11.16
CA ILE B 87 -1.70 6.78 10.77
CA ILE B 87 -1.71 6.79 10.67
C ILE B 87 -2.45 5.50 10.42
C ILE B 87 -2.48 5.49 10.38
N PRO B 88 -3.28 4.99 11.34
CA PRO B 88 -4.04 3.75 11.10
C PRO B 88 -4.95 3.77 9.87
N MET B 89 -5.64 4.88 9.64
CA MET B 89 -6.54 5.01 8.49
C MET B 89 -5.75 5.00 7.17
N ALA B 90 -4.63 5.73 7.18
CA ALA B 90 -3.76 5.83 6.03
C ALA B 90 -3.17 4.45 5.68
N VAL B 91 -2.67 3.72 6.67
CA VAL B 91 -2.13 2.37 6.43
C VAL B 91 -3.20 1.44 5.86
N GLN B 92 -4.36 1.45 6.49
CA GLN B 92 -5.46 0.59 6.05
C GLN B 92 -5.84 0.97 4.60
N ALA B 93 -5.96 2.27 4.30
CA ALA B 93 -6.36 2.69 2.95
C ALA B 93 -5.37 2.23 1.91
N ILE B 94 -4.09 2.38 2.19
CA ILE B 94 -3.08 1.92 1.23
C ILE B 94 -3.13 0.40 1.02
N GLN B 95 -3.26 -0.34 2.11
CA GLN B 95 -3.34 -1.78 2.01
C GLN B 95 -4.59 -2.18 1.26
N ASP B 96 -5.67 -1.39 1.40
CA ASP B 96 -6.91 -1.71 0.68
C ASP B 96 -6.75 -1.39 -0.79
N GLY B 97 -5.63 -0.72 -1.15
CA GLY B 97 -5.35 -0.39 -2.52
C GLY B 97 -5.45 1.07 -2.96
N ALA B 98 -5.64 1.99 -2.04
CA ALA B 98 -5.72 3.39 -2.43
C ALA B 98 -4.39 3.75 -3.09
N TYR B 99 -4.46 4.61 -4.09
CA TYR B 99 -3.24 4.99 -4.77
C TYR B 99 -2.32 5.88 -3.92
N ASP B 100 -2.90 6.78 -3.13
CA ASP B 100 -2.08 7.62 -2.25
C ASP B 100 -3.05 8.10 -1.17
N PHE B 101 -2.53 8.53 -0.04
CA PHE B 101 -3.37 9.01 1.05
C PHE B 101 -2.58 10.20 1.57
N ILE B 102 -3.14 11.38 1.36
CA ILE B 102 -2.44 12.61 1.68
C ILE B 102 -3.13 13.41 2.75
N ALA B 103 -2.33 13.94 3.66
CA ALA B 103 -2.88 14.73 4.77
C ALA B 103 -2.90 16.24 4.45
N LYS B 104 -3.96 16.93 4.86
CA LYS B 104 -4.02 18.38 4.68
C LYS B 104 -3.41 18.96 5.97
N PRO B 105 -2.56 20.01 5.90
CA PRO B 105 -2.11 20.72 4.72
C PRO B 105 -1.05 19.91 3.99
N PHE B 106 -1.08 20.00 2.67
CA PHE B 106 -0.12 19.23 1.89
C PHE B 106 0.59 20.05 0.81
N ALA B 107 1.77 19.59 0.45
CA ALA B 107 2.58 20.24 -0.58
C ALA B 107 1.92 19.93 -1.92
N ALA B 108 1.73 20.95 -2.73
CA ALA B 108 1.09 20.78 -4.04
C ALA B 108 1.91 19.79 -4.90
N ASP B 109 3.22 19.79 -4.74
CA ASP B 109 4.00 18.88 -5.56
C ASP B 109 3.81 17.42 -5.24
N ARG B 110 3.51 17.10 -3.98
CA ARG B 110 3.26 15.72 -3.62
C ARG B 110 1.98 15.29 -4.36
N LEU B 111 0.95 16.13 -4.26
CA LEU B 111 -0.32 15.82 -4.91
C LEU B 111 -0.16 15.70 -6.42
N VAL B 112 0.51 16.67 -7.01
CA VAL B 112 0.69 16.69 -8.45
C VAL B 112 1.47 15.53 -9.04
N GLN B 113 2.60 15.22 -8.42
CA GLN B 113 3.46 14.14 -8.90
C GLN B 113 2.73 12.79 -8.76
N SER B 114 1.98 12.67 -7.68
CA SER B 114 1.23 11.47 -7.42
C SER B 114 0.08 11.33 -8.44
N ALA B 115 -0.64 12.42 -8.71
CA ALA B 115 -1.72 12.37 -9.69
C ALA B 115 -1.16 12.04 -11.07
N ARG B 116 -0.06 12.71 -11.42
CA ARG B 116 0.57 12.50 -12.70
C ARG B 116 0.87 11.02 -12.97
N ARG B 117 1.49 10.37 -11.98
CA ARG B 117 1.83 8.96 -12.12
C ARG B 117 0.58 8.08 -12.15
N ALA B 118 -0.39 8.38 -11.30
CA ALA B 118 -1.61 7.58 -11.27
C ALA B 118 -2.34 7.63 -12.61
N GLU B 119 -2.39 8.81 -13.25
CA GLU B 119 -3.10 8.91 -14.51
C GLU B 119 -2.36 8.20 -15.64
N LYS B 120 -1.03 8.25 -15.63
CA LYS B 120 -0.24 7.57 -16.65
C LYS B 120 -0.57 6.10 -16.57
N LYS B 121 -0.66 5.61 -15.33
CA LYS B 121 -0.96 4.23 -15.09
C LYS B 121 -2.38 3.93 -15.59
N ARG B 122 -3.34 4.78 -15.26
CA ARG B 122 -4.69 4.54 -15.73
C ARG B 122 -4.72 4.49 -17.26
N ARG B 123 -3.98 5.39 -17.92
CA ARG B 123 -3.95 5.43 -19.39
C ARG B 123 -3.42 4.12 -20.00
N LEU B 124 -2.34 3.60 -19.46
CA LEU B 124 -1.80 2.33 -19.96
C LEU B 124 -2.89 1.26 -19.93
N VAL B 125 -3.61 1.17 -18.81
CA VAL B 125 -4.69 0.18 -18.69
C VAL B 125 -5.78 0.39 -19.75
N MET B 126 -6.21 1.64 -19.95
CA MET B 126 -7.27 1.97 -20.91
C MET B 126 -6.88 1.77 -22.38
N GLU B 127 -5.64 2.09 -22.71
CA GLU B 127 -5.18 1.91 -24.07
C GLU B 127 -5.10 0.41 -24.38
N ASN B 128 -4.74 -0.40 -23.39
CA ASN B 128 -4.68 -1.85 -23.61
C ASN B 128 -6.12 -2.38 -23.77
N ARG B 129 -7.06 -1.86 -22.97
CA ARG B 129 -8.44 -2.32 -23.11
C ARG B 129 -8.95 -1.97 -24.50
N SER B 130 -8.57 -0.78 -24.98
CA SER B 130 -8.97 -0.29 -26.32
C SER B 130 -8.37 -1.14 -27.40
N LEU B 131 -7.11 -1.55 -27.22
CA LEU B 131 -6.49 -2.38 -28.22
C LEU B 131 -7.18 -3.74 -28.26
N ARG B 132 -7.50 -4.30 -27.09
N ARG B 132 -7.48 -4.35 -27.13
CA ARG B 132 -8.17 -5.60 -27.01
CA ARG B 132 -8.14 -5.66 -27.20
C ARG B 132 -9.50 -5.54 -27.78
C ARG B 132 -9.52 -5.55 -27.84
N ARG B 133 -10.23 -4.45 -27.60
CA ARG B 133 -11.53 -4.27 -28.24
C ARG B 133 -11.33 -4.12 -29.72
N ALA B 134 -10.31 -3.34 -30.10
CA ALA B 134 -10.05 -3.11 -31.53
C ALA B 134 -9.78 -4.45 -32.22
N ALA B 135 -9.04 -5.34 -31.54
CA ALA B 135 -8.72 -6.65 -32.08
C ALA B 135 -9.96 -7.56 -32.19
N GLU B 136 -11.03 -7.21 -31.48
CA GLU B 136 -12.27 -7.99 -31.54
C GLU B 136 -13.17 -7.57 -32.70
N ALA B 137 -12.81 -6.47 -33.37
CA ALA B 137 -13.57 -5.95 -34.51
C ALA B 137 -13.78 -7.00 -35.58
N ALA B 138 -12.78 -7.83 -35.82
CA ALA B 138 -12.89 -8.84 -36.86
C ALA B 138 -14.05 -9.76 -36.56
N SER B 139 -13.96 -10.47 -35.43
CA SER B 139 -15.02 -11.39 -35.03
C SER B 139 -16.40 -10.74 -35.06
N GLU B 140 -16.49 -9.51 -34.56
CA GLU B 140 -17.80 -8.88 -34.54
C GLU B 140 -18.31 -8.62 -35.95
N GLY B 141 -17.46 -8.09 -36.82
CA GLY B 141 -17.87 -7.84 -38.20
C GLY B 141 -18.18 -9.12 -38.97
N LEU B 142 -17.53 -10.23 -38.60
CA LEU B 142 -17.76 -11.52 -39.29
C LEU B 142 -19.09 -12.12 -38.82
N LYS B 143 -19.60 -11.53 -37.74
CA LYS B 143 -20.83 -11.92 -37.05
C LYS B 143 -20.54 -13.13 -36.16
N LEU B 144 -19.27 -13.46 -35.99
CA LEU B 144 -18.87 -14.62 -35.19
C LEU B 144 -19.23 -14.42 -33.72
N ALA B 145 -18.99 -13.20 -33.22
CA ALA B 145 -19.28 -12.81 -31.84
C ALA B 145 -20.76 -12.95 -31.53
N ALA B 146 -21.60 -12.35 -32.38
CA ALA B 146 -23.04 -12.39 -32.18
C ALA B 146 -23.58 -13.84 -32.15
N ALA B 147 -23.09 -14.68 -33.06
CA ALA B 147 -23.55 -16.09 -33.11
C ALA B 147 -23.05 -16.93 -31.95
N LEU B 148 -21.92 -16.54 -31.35
CA LEU B 148 -21.36 -17.30 -30.23
C LEU B 148 -21.82 -16.71 -28.90
N GLU B 149 -22.48 -15.57 -28.97
CA GLU B 149 -22.97 -14.85 -27.80
C GLU B 149 -23.64 -15.72 -26.72
N HIS B 150 -24.67 -16.46 -27.11
CA HIS B 150 -25.38 -17.30 -26.15
C HIS B 150 -24.49 -18.35 -25.46
N HIS B 151 -23.27 -18.57 -25.96
CA HIS B 151 -22.38 -19.56 -25.35
C HIS B 151 -21.61 -19.02 -24.15
N HIS B 152 -21.90 -17.79 -23.74
CA HIS B 152 -21.22 -17.21 -22.59
C HIS B 152 -22.01 -17.40 -21.29
MG MG C . 12.77 5.11 19.78
S SO4 D . 23.81 2.16 18.24
O1 SO4 D . 24.47 3.24 17.50
O2 SO4 D . 23.84 2.47 19.67
O3 SO4 D . 24.51 0.88 18.00
O4 SO4 D . 22.39 2.09 17.85
S SO4 E . 10.37 7.45 23.18
O1 SO4 E . 10.96 8.15 22.02
O2 SO4 E . 10.82 8.12 24.40
O3 SO4 E . 10.77 6.02 23.20
O4 SO4 E . 8.89 7.51 23.11
BE BEF F . 10.12 5.16 18.09
F1 BEF F . 11.08 6.01 18.86
F2 BEF F . 10.05 5.66 16.65
F3 BEF F . 8.76 5.23 18.78
BE BF2 G . 7.69 -25.25 -14.91
F1 BF2 G . 8.01 -26.33 -13.94
F2 BF2 G . 8.36 -25.51 -16.22
BE BF2 H . -0.28 -22.43 10.23
F1 BF2 H . 0.25 -21.56 11.31
F2 BF2 H . -1.73 -22.13 10.02
BE BF2 I . 1.62 -2.10 -1.29
F1 BF2 I . 3.03 -2.58 -1.46
F2 BF2 I . 1.44 -0.72 -1.87
BE BF2 J . -0.99 1.29 14.40
F1 BF2 J . -2.04 0.35 14.82
F2 BF2 J . -1.61 2.59 14.15
BE BF2 K . 0.31 -11.60 3.47
F1 BF2 K . -0.63 -11.66 4.65
F2 BF2 K . 0.77 -12.98 3.07
BE BF2 L . 15.33 -16.99 17.67
F1 BF2 L . 15.05 -18.42 17.94
F2 BF2 L . 16.77 -16.75 17.89
BE BF2 M . 14.18 -25.40 -8.10
F1 BF2 M . 15.21 -25.44 -7.00
F2 BF2 M . 12.82 -25.14 -7.54
BE BF2 N . 0.22 12.71 9.79
F1 BF2 N . -0.49 13.05 11.06
F2 BF2 N . 0.70 13.95 9.11
BE BF4 O . 19.10 -0.17 27.01
F1 BF4 O . 18.01 0.16 26.05
F2 BF4 O . 20.44 -0.11 26.34
F3 BF4 O . 19.08 0.82 28.10
F4 BF4 O . 18.88 -1.55 27.55
MG MG P . -14.44 17.52 4.01
S SO4 Q . -20.54 24.15 -3.39
O1 SO4 Q . -21.11 25.49 -3.13
O2 SO4 Q . -19.72 24.21 -4.61
O3 SO4 Q . -21.66 23.21 -3.57
O4 SO4 Q . -19.68 23.73 -2.28
S SO4 R . -22.86 4.14 1.65
O1 SO4 R . -22.57 5.57 1.99
O2 SO4 R . -23.48 4.05 0.31
O3 SO4 R . -23.80 3.61 2.65
O4 SO4 R . -21.61 3.35 1.68
BE BEF S . -11.62 16.02 4.40
F1 BEF S . -12.86 16.61 5.00
F2 BEF S . -11.40 14.69 5.01
F3 BEF S . -10.43 16.90 4.69
BE BF2 T . 6.74 10.37 -14.42
F1 BF2 T . 5.38 10.92 -14.08
F2 BF2 T . 7.66 11.48 -14.87
BE BF2 U . -1.56 10.55 13.31
F1 BF2 U . -1.91 9.27 13.97
F2 BF2 U . -0.16 10.92 13.64
BE BEF V . -11.99 -12.73 -30.62
F1 BEF V . -12.38 -13.43 -31.86
F2 BEF V . -13.11 -12.86 -29.63
F3 BEF V . -11.80 -11.30 -30.98
C1 GOL W . -15.44 30.77 -12.58
O1 GOL W . -16.38 30.79 -11.54
C2 GOL W . -14.08 30.26 -12.15
O2 GOL W . -14.20 28.96 -11.59
C3 GOL W . -13.46 31.24 -11.15
O3 GOL W . -12.17 30.80 -10.73
#